data_6R07
#
_entry.id   6R07
#
_cell.length_a   57.839
_cell.length_b   57.839
_cell.length_c   394.505
_cell.angle_alpha   90.000
_cell.angle_beta   90.000
_cell.angle_gamma   120.000
#
_symmetry.space_group_name_H-M   'P 61 2 2'
#
loop_
_entity.id
_entity.type
_entity.pdbx_description
1 polymer 'Farnesyl diphosphate synthase'
2 non-polymer '(5-chloro-1-benzothiophen-3-yl)acetic acid'
3 non-polymer 'ZINC ION'
4 non-polymer 'SULFATE ION'
5 non-polymer 'DIMETHYL SULFOXIDE'
6 water water
#
_entity_poly.entity_id   1
_entity_poly.type   'polypeptide(L)'
_entity_poly.pdbx_seq_one_letter_code
;GPMASMERFLSVYDEVQAFLLDQLQSKYEIDPNRARYLRIMMDTTCLGGKYFRGMTVVNVAEGFLAVTQHDEATKERILH
DACVGGWMIEFLQAHYLVEDDIMDGSVMRRGKPCWYRFPGVTTQCAINDGIILKSWTQIMAWHYFADRPFLKDLLCLFQK
VDYATAVGQMYDVTSMCDSNKLDPEVAQPMTTDFAEFTPAIYKRIVKYKTTFYTYLLPLVMGLLVSEAAASVEMNLVERV
AHLIGEYFQVQDDVMDCFTPPEQLGKVGTDIEDAKCSWLAVTFLGKANAAQVAEFKANYGEKDPAKVAVVKRLYSKANLQ
ADFAAYEAEVVREVESLIEQLKVKSPTFAESVAVVWEKTHKRKK
;
_entity_poly.pdbx_strand_id   A
#
loop_
_chem_comp.id
_chem_comp.type
_chem_comp.name
_chem_comp.formula
3N2 non-polymer '(5-chloro-1-benzothiophen-3-yl)acetic acid' 'C10 H7 Cl O2 S'
DMS non-polymer 'DIMETHYL SULFOXIDE' 'C2 H6 O S'
SO4 non-polymer 'SULFATE ION' 'O4 S -2'
ZN non-polymer 'ZINC ION' 'Zn 2'
#
# COMPACT_ATOMS: atom_id res chain seq x y z
N ALA A 4 2.15 -23.99 9.47
CA ALA A 4 2.93 -22.78 9.25
C ALA A 4 2.06 -21.54 9.07
N SER A 5 2.71 -20.37 9.18
CA SER A 5 2.06 -19.06 9.12
C SER A 5 1.24 -18.77 7.87
N MET A 6 1.80 -19.03 6.69
CA MET A 6 1.09 -18.77 5.43
C MET A 6 -0.16 -19.64 5.32
N GLU A 7 -0.05 -20.90 5.71
CA GLU A 7 -1.17 -21.85 5.64
C GLU A 7 -2.27 -21.46 6.60
N ARG A 8 -1.90 -20.96 7.80
CA ARG A 8 -2.92 -20.51 8.76
C ARG A 8 -3.66 -19.29 8.15
N PHE A 9 -2.88 -18.36 7.62
CA PHE A 9 -3.37 -17.12 7.01
C PHE A 9 -4.35 -17.42 5.86
N LEU A 10 -3.96 -18.30 4.92
CA LEU A 10 -4.84 -18.65 3.80
C LEU A 10 -6.11 -19.38 4.26
N SER A 11 -6.03 -20.25 5.29
CA SER A 11 -7.20 -20.94 5.84
C SER A 11 -8.18 -19.95 6.44
N VAL A 12 -7.65 -18.93 7.13
CA VAL A 12 -8.52 -17.92 7.72
C VAL A 12 -9.25 -17.14 6.60
N TYR A 13 -8.60 -16.94 5.42
CA TYR A 13 -9.32 -16.27 4.32
C TYR A 13 -10.63 -17.07 4.04
N ASP A 14 -10.53 -18.39 3.92
CA ASP A 14 -11.72 -19.18 3.61
C ASP A 14 -12.81 -19.05 4.65
N GLU A 15 -12.40 -18.95 5.93
CA GLU A 15 -13.30 -18.82 7.05
C GLU A 15 -14.01 -17.46 7.02
N VAL A 16 -13.23 -16.38 6.82
CA VAL A 16 -13.78 -15.03 6.73
C VAL A 16 -14.74 -14.92 5.58
N GLN A 17 -14.33 -15.43 4.39
CA GLN A 17 -15.21 -15.40 3.22
C GLN A 17 -16.54 -16.09 3.50
N ALA A 18 -16.50 -17.32 4.07
CA ALA A 18 -17.69 -18.09 4.39
C ALA A 18 -18.57 -17.29 5.34
N PHE A 19 -17.98 -16.67 6.38
CA PHE A 19 -18.74 -15.86 7.34
C PHE A 19 -19.45 -14.70 6.61
N LEU A 20 -18.70 -13.93 5.81
CA LEU A 20 -19.28 -12.76 5.14
C LEU A 20 -20.41 -13.16 4.23
N LEU A 21 -20.19 -14.19 3.41
CA LEU A 21 -21.23 -14.64 2.47
C LEU A 21 -22.44 -15.24 3.19
N ASP A 22 -22.22 -16.03 4.27
N ASP A 22 -22.22 -16.02 4.28
CA ASP A 22 -23.34 -16.60 5.03
CA ASP A 22 -23.33 -16.60 5.06
C ASP A 22 -24.18 -15.48 5.66
C ASP A 22 -24.18 -15.49 5.69
N GLN A 23 -23.52 -14.43 6.20
CA GLN A 23 -24.20 -13.28 6.79
C GLN A 23 -25.01 -12.53 5.72
N LEU A 24 -24.49 -12.44 4.48
CA LEU A 24 -25.27 -11.78 3.42
C LEU A 24 -26.54 -12.56 3.17
N GLN A 25 -26.46 -13.91 3.21
CA GLN A 25 -27.64 -14.74 2.99
C GLN A 25 -28.61 -14.64 4.18
N SER A 26 -28.10 -14.72 5.43
CA SER A 26 -28.96 -14.74 6.60
C SER A 26 -29.55 -13.40 7.01
N LYS A 27 -28.87 -12.29 6.68
CA LYS A 27 -29.31 -10.98 7.16
C LYS A 27 -29.58 -9.94 6.11
N TYR A 28 -28.93 -10.06 4.95
CA TYR A 28 -29.00 -9.04 3.89
C TYR A 28 -29.80 -9.48 2.69
N GLU A 29 -30.50 -10.63 2.82
CA GLU A 29 -31.43 -11.16 1.82
C GLU A 29 -30.78 -11.45 0.46
N ILE A 30 -29.47 -11.74 0.45
CA ILE A 30 -28.81 -12.04 -0.82
C ILE A 30 -29.29 -13.37 -1.42
N ASP A 31 -29.29 -13.43 -2.74
CA ASP A 31 -29.61 -14.59 -3.55
C ASP A 31 -28.28 -15.26 -3.97
N PRO A 32 -28.31 -16.57 -4.32
CA PRO A 32 -27.05 -17.29 -4.62
C PRO A 32 -26.19 -16.74 -5.75
N ASN A 33 -26.82 -16.19 -6.79
CA ASN A 33 -26.04 -15.66 -7.91
C ASN A 33 -25.27 -14.39 -7.55
N ARG A 34 -25.87 -13.52 -6.73
CA ARG A 34 -25.16 -12.31 -6.28
C ARG A 34 -24.09 -12.66 -5.26
N ALA A 35 -24.35 -13.68 -4.40
CA ALA A 35 -23.34 -14.19 -3.47
C ALA A 35 -22.13 -14.74 -4.27
N ARG A 36 -22.38 -15.45 -5.38
N ARG A 36 -22.39 -15.44 -5.39
CA ARG A 36 -21.31 -15.98 -6.23
CA ARG A 36 -21.35 -15.99 -6.26
C ARG A 36 -20.52 -14.82 -6.86
C ARG A 36 -20.53 -14.83 -6.87
N TYR A 37 -21.23 -13.78 -7.36
CA TYR A 37 -20.54 -12.61 -7.93
C TYR A 37 -19.60 -12.02 -6.87
N LEU A 38 -20.08 -11.85 -5.63
CA LEU A 38 -19.27 -11.26 -4.56
C LEU A 38 -18.11 -12.14 -4.14
N ARG A 39 -18.31 -13.48 -4.17
CA ARG A 39 -17.24 -14.43 -3.85
C ARG A 39 -16.14 -14.30 -4.90
N ILE A 40 -16.53 -14.24 -6.20
CA ILE A 40 -15.55 -14.08 -7.27
C ILE A 40 -14.83 -12.73 -7.17
N MET A 41 -15.58 -11.66 -6.85
CA MET A 41 -15.01 -10.33 -6.71
C MET A 41 -13.96 -10.35 -5.59
N MET A 42 -14.32 -10.97 -4.45
CA MET A 42 -13.40 -11.03 -3.28
C MET A 42 -12.13 -11.80 -3.69
N ASP A 43 -12.27 -12.99 -4.28
CA ASP A 43 -11.10 -13.76 -4.69
C ASP A 43 -10.25 -13.00 -5.69
N THR A 44 -10.88 -12.36 -6.70
CA THR A 44 -10.13 -11.68 -7.75
C THR A 44 -9.35 -10.46 -7.24
N THR A 45 -9.92 -9.73 -6.27
CA THR A 45 -9.32 -8.48 -5.81
C THR A 45 -8.42 -8.65 -4.58
N CYS A 46 -8.67 -9.72 -3.79
CA CYS A 46 -7.92 -9.93 -2.53
C CYS A 46 -6.80 -10.95 -2.61
N LEU A 47 -6.88 -11.89 -3.56
CA LEU A 47 -5.90 -12.98 -3.66
C LEU A 47 -4.94 -12.83 -4.84
N GLY A 48 -3.81 -13.54 -4.77
CA GLY A 48 -2.84 -13.57 -5.86
C GLY A 48 -1.58 -12.75 -5.67
N GLY A 49 -1.55 -11.93 -4.63
CA GLY A 49 -0.38 -11.14 -4.27
C GLY A 49 0.54 -11.91 -3.33
N LYS A 50 1.51 -11.23 -2.73
CA LYS A 50 2.46 -11.85 -1.81
C LYS A 50 1.94 -11.91 -0.37
N TYR A 51 0.86 -11.16 -0.07
CA TYR A 51 0.28 -11.07 1.28
C TYR A 51 1.31 -10.49 2.27
N PHE A 52 2.22 -9.64 1.78
CA PHE A 52 3.23 -9.03 2.65
C PHE A 52 2.61 -8.28 3.86
N ARG A 53 1.59 -7.45 3.60
CA ARG A 53 0.95 -6.66 4.65
C ARG A 53 0.27 -7.54 5.68
N GLY A 54 -0.54 -8.47 5.21
CA GLY A 54 -1.27 -9.39 6.08
C GLY A 54 -0.35 -10.26 6.90
N MET A 55 0.66 -10.85 6.24
CA MET A 55 1.66 -11.70 6.89
C MET A 55 2.56 -10.94 7.86
N THR A 56 2.74 -9.62 7.69
CA THR A 56 3.52 -8.84 8.68
C THR A 56 2.81 -8.86 10.05
N VAL A 57 1.47 -8.78 10.05
CA VAL A 57 0.71 -8.82 11.32
C VAL A 57 0.99 -10.17 12.03
N VAL A 58 0.88 -11.27 11.26
CA VAL A 58 1.09 -12.64 11.77
C VAL A 58 2.55 -12.77 12.26
N ASN A 59 3.54 -12.29 11.47
CA ASN A 59 4.94 -12.40 11.86
C ASN A 59 5.25 -11.64 13.18
N VAL A 60 4.69 -10.43 13.33
CA VAL A 60 4.89 -9.63 14.55
C VAL A 60 4.25 -10.41 15.69
N ALA A 61 3.02 -10.92 15.50
CA ALA A 61 2.36 -11.67 16.59
C ALA A 61 3.17 -12.92 16.99
N GLU A 62 3.70 -13.65 15.98
CA GLU A 62 4.46 -14.86 16.30
C GLU A 62 5.79 -14.54 17.00
N GLY A 63 6.35 -13.36 16.75
CA GLY A 63 7.58 -12.96 17.45
C GLY A 63 7.27 -12.86 18.93
N PHE A 64 6.15 -12.17 19.29
CA PHE A 64 5.76 -12.02 20.69
C PHE A 64 5.37 -13.34 21.35
N LEU A 65 4.76 -14.26 20.59
CA LEU A 65 4.38 -15.56 21.18
C LEU A 65 5.59 -16.34 21.64
N ALA A 66 6.72 -16.17 20.92
CA ALA A 66 7.93 -16.91 21.26
C ALA A 66 8.53 -16.48 22.60
N VAL A 67 8.20 -15.28 23.08
CA VAL A 67 8.82 -14.72 24.29
C VAL A 67 7.81 -14.43 25.41
N THR A 68 6.53 -14.80 25.22
CA THR A 68 5.47 -14.50 26.20
C THR A 68 4.79 -15.76 26.66
N GLN A 69 4.49 -15.87 27.97
CA GLN A 69 3.82 -17.03 28.53
C GLN A 69 2.32 -16.97 28.26
N HIS A 70 1.79 -18.02 27.62
CA HIS A 70 0.38 -18.11 27.30
C HIS A 70 -0.03 -19.55 27.31
N ASP A 71 -1.33 -19.79 27.57
CA ASP A 71 -1.95 -21.10 27.37
C ASP A 71 -1.94 -21.34 25.87
N GLU A 72 -1.97 -22.62 25.46
CA GLU A 72 -2.03 -22.96 24.02
C GLU A 72 -3.25 -22.33 23.33
N ALA A 73 -4.42 -22.36 23.99
CA ALA A 73 -5.67 -21.77 23.42
C ALA A 73 -5.50 -20.27 23.20
N THR A 74 -4.70 -19.61 24.07
CA THR A 74 -4.45 -18.18 23.93
C THR A 74 -3.52 -17.94 22.72
N LYS A 75 -2.50 -18.80 22.53
CA LYS A 75 -1.60 -18.66 21.38
C LYS A 75 -2.42 -18.82 20.08
N GLU A 76 -3.35 -19.77 20.06
CA GLU A 76 -4.23 -20.00 18.90
C GLU A 76 -5.13 -18.82 18.63
N ARG A 77 -5.72 -18.24 19.71
CA ARG A 77 -6.59 -17.06 19.59
C ARG A 77 -5.80 -15.85 19.03
N ILE A 78 -4.58 -15.62 19.58
CA ILE A 78 -3.76 -14.49 19.10
C ILE A 78 -3.42 -14.68 17.61
N LEU A 79 -2.99 -15.89 17.22
CA LEU A 79 -2.68 -16.11 15.80
C LEU A 79 -3.89 -15.94 14.91
N HIS A 80 -5.07 -16.43 15.35
CA HIS A 80 -6.29 -16.28 14.55
C HIS A 80 -6.61 -14.76 14.42
N ASP A 81 -6.51 -14.01 15.53
CA ASP A 81 -6.73 -12.54 15.50
C ASP A 81 -5.75 -11.85 14.55
N ALA A 82 -4.46 -12.27 14.56
CA ALA A 82 -3.44 -11.68 13.68
C ALA A 82 -3.82 -11.97 12.22
N CYS A 83 -4.37 -13.16 11.95
CA CYS A 83 -4.79 -13.48 10.57
C CYS A 83 -5.97 -12.64 10.15
N VAL A 84 -6.97 -12.49 11.04
CA VAL A 84 -8.13 -11.67 10.71
C VAL A 84 -7.69 -10.24 10.49
N GLY A 85 -6.86 -9.72 11.38
CA GLY A 85 -6.32 -8.37 11.26
C GLY A 85 -5.55 -8.19 9.96
N GLY A 86 -4.73 -9.19 9.62
CA GLY A 86 -3.96 -9.18 8.37
C GLY A 86 -4.90 -9.12 7.17
N TRP A 87 -6.02 -9.89 7.20
CA TRP A 87 -6.99 -9.81 6.10
C TRP A 87 -7.70 -8.46 6.04
N MET A 88 -7.94 -7.79 7.19
CA MET A 88 -8.53 -6.45 7.14
C MET A 88 -7.60 -5.54 6.30
N ILE A 89 -6.27 -5.66 6.48
CA ILE A 89 -5.37 -4.79 5.73
C ILE A 89 -5.35 -5.19 4.25
N GLU A 90 -5.35 -6.51 3.95
CA GLU A 90 -5.35 -6.96 2.54
C GLU A 90 -6.62 -6.47 1.84
N PHE A 91 -7.77 -6.50 2.55
CA PHE A 91 -9.05 -6.03 1.95
C PHE A 91 -9.01 -4.51 1.80
N LEU A 92 -8.35 -3.81 2.73
CA LEU A 92 -8.19 -2.34 2.62
C LEU A 92 -7.37 -2.02 1.39
N GLN A 93 -6.26 -2.76 1.20
CA GLN A 93 -5.46 -2.61 0.00
C GLN A 93 -6.33 -2.88 -1.24
N ALA A 94 -7.07 -3.98 -1.26
CA ALA A 94 -7.92 -4.35 -2.41
C ALA A 94 -8.88 -3.21 -2.76
N HIS A 95 -9.49 -2.57 -1.74
CA HIS A 95 -10.38 -1.41 -1.95
C HIS A 95 -9.60 -0.32 -2.69
N TYR A 96 -8.42 0.04 -2.21
CA TYR A 96 -7.69 1.13 -2.86
C TYR A 96 -7.17 0.79 -4.24
N LEU A 97 -6.80 -0.48 -4.47
CA LEU A 97 -6.33 -0.87 -5.83
C LEU A 97 -7.49 -0.87 -6.83
N VAL A 98 -8.67 -1.35 -6.41
CA VAL A 98 -9.86 -1.34 -7.29
C VAL A 98 -10.16 0.11 -7.66
N GLU A 99 -10.25 0.98 -6.66
CA GLU A 99 -10.63 2.38 -6.94
C GLU A 99 -9.54 3.12 -7.71
N ASP A 100 -8.27 2.95 -7.31
CA ASP A 100 -7.16 3.62 -7.99
C ASP A 100 -7.05 3.19 -9.45
N ASP A 101 -7.30 1.91 -9.75
CA ASP A 101 -7.24 1.45 -11.15
C ASP A 101 -8.30 2.14 -11.99
N ILE A 102 -9.50 2.34 -11.41
CA ILE A 102 -10.58 3.06 -12.14
C ILE A 102 -10.19 4.52 -12.27
N MET A 103 -9.74 5.14 -11.17
CA MET A 103 -9.33 6.54 -11.21
C MET A 103 -8.27 6.81 -12.29
N ASP A 104 -7.29 5.91 -12.40
CA ASP A 104 -6.15 6.11 -13.30
C ASP A 104 -6.35 5.58 -14.72
N GLY A 105 -7.44 4.86 -14.94
CA GLY A 105 -7.73 4.24 -16.21
C GLY A 105 -6.71 3.15 -16.48
N SER A 106 -6.25 2.46 -15.41
CA SER A 106 -5.23 1.41 -15.56
C SER A 106 -5.77 0.21 -16.36
N VAL A 107 -4.86 -0.52 -17.05
CA VAL A 107 -5.25 -1.64 -17.90
C VAL A 107 -5.02 -2.97 -17.19
N MET A 108 -3.85 -3.11 -16.59
CA MET A 108 -3.48 -4.34 -15.92
C MET A 108 -2.94 -4.06 -14.54
N ARG A 109 -2.86 -5.10 -13.77
CA ARG A 109 -2.22 -5.12 -12.47
C ARG A 109 -1.82 -6.55 -12.22
N ARG A 110 -0.49 -6.80 -12.17
CA ARG A 110 0.13 -8.11 -11.94
C ARG A 110 -0.30 -9.13 -13.02
N GLY A 111 -0.08 -8.75 -14.29
CA GLY A 111 -0.39 -9.57 -15.45
C GLY A 111 -1.85 -9.99 -15.63
N LYS A 112 -2.78 -9.35 -14.91
CA LYS A 112 -4.21 -9.64 -15.00
C LYS A 112 -4.99 -8.34 -15.26
N PRO A 113 -6.13 -8.37 -16.01
CA PRO A 113 -6.86 -7.10 -16.22
C PRO A 113 -7.33 -6.52 -14.90
N CYS A 114 -7.40 -5.19 -14.81
CA CYS A 114 -7.97 -4.53 -13.62
C CYS A 114 -9.43 -4.96 -13.48
N TRP A 115 -9.89 -5.11 -12.23
CA TRP A 115 -11.25 -5.58 -11.93
C TRP A 115 -12.33 -4.88 -12.76
N TYR A 116 -12.27 -3.53 -12.84
CA TYR A 116 -13.32 -2.80 -13.57
C TYR A 116 -13.41 -3.15 -15.07
N ARG A 117 -12.32 -3.71 -15.62
CA ARG A 117 -12.23 -4.08 -17.02
C ARG A 117 -12.81 -5.44 -17.30
N PHE A 118 -13.14 -6.24 -16.25
CA PHE A 118 -13.75 -7.56 -16.51
C PHE A 118 -15.09 -7.34 -17.25
N PRO A 119 -15.42 -8.14 -18.26
CA PRO A 119 -16.61 -7.82 -19.08
C PRO A 119 -17.94 -7.66 -18.32
N GLY A 120 -18.15 -8.50 -17.32
CA GLY A 120 -19.37 -8.52 -16.52
C GLY A 120 -19.28 -7.69 -15.25
N VAL A 121 -18.27 -6.81 -15.18
CA VAL A 121 -18.09 -5.95 -14.01
C VAL A 121 -18.47 -4.52 -14.38
N THR A 122 -17.63 -3.81 -15.16
CA THR A 122 -17.82 -2.41 -15.59
C THR A 122 -17.57 -1.48 -14.44
N THR A 123 -17.29 -0.20 -14.76
CA THR A 123 -16.99 0.79 -13.72
C THR A 123 -18.21 0.98 -12.78
N GLN A 124 -19.41 0.93 -13.35
CA GLN A 124 -20.63 1.11 -12.56
C GLN A 124 -20.65 0.16 -11.36
N CYS A 125 -20.31 -1.14 -11.57
N CYS A 125 -20.33 -1.15 -11.57
CA CYS A 125 -20.25 -2.09 -10.47
CA CYS A 125 -20.31 -2.09 -10.46
C CYS A 125 -18.99 -1.93 -9.68
C CYS A 125 -19.00 -2.06 -9.68
N ALA A 126 -17.84 -1.88 -10.37
CA ALA A 126 -16.53 -1.86 -9.70
C ALA A 126 -16.36 -0.81 -8.64
N ILE A 127 -16.87 0.42 -8.87
CA ILE A 127 -16.74 1.45 -7.85
C ILE A 127 -17.43 0.96 -6.57
N ASN A 128 -18.65 0.41 -6.71
CA ASN A 128 -19.36 -0.10 -5.54
C ASN A 128 -18.68 -1.34 -4.95
N ASP A 129 -18.14 -2.25 -5.83
CA ASP A 129 -17.41 -3.42 -5.32
C ASP A 129 -16.26 -2.95 -4.41
N GLY A 130 -15.55 -1.86 -4.80
CA GLY A 130 -14.46 -1.31 -4.00
C GLY A 130 -14.99 -0.83 -2.65
N ILE A 131 -16.17 -0.20 -2.66
CA ILE A 131 -16.81 0.25 -1.41
C ILE A 131 -17.09 -0.93 -0.49
N ILE A 132 -17.64 -2.01 -1.08
CA ILE A 132 -17.95 -3.22 -0.30
C ILE A 132 -16.65 -3.80 0.31
N LEU A 133 -15.56 -3.85 -0.47
CA LEU A 133 -14.30 -4.37 0.06
C LEU A 133 -13.90 -3.68 1.35
N LYS A 134 -14.01 -2.35 1.40
CA LYS A 134 -13.63 -1.69 2.63
C LYS A 134 -14.66 -1.94 3.72
N SER A 135 -15.97 -1.99 3.37
N SER A 135 -15.95 -1.99 3.37
CA SER A 135 -17.03 -2.26 4.35
CA SER A 135 -16.97 -2.24 4.36
C SER A 135 -16.80 -3.62 5.04
C SER A 135 -16.72 -3.59 5.05
N TRP A 136 -16.29 -4.60 4.27
CA TRP A 136 -15.97 -5.93 4.81
C TRP A 136 -14.91 -5.90 5.90
N THR A 137 -13.93 -4.96 5.79
CA THR A 137 -12.92 -4.86 6.85
C THR A 137 -13.58 -4.58 8.20
N GLN A 138 -14.62 -3.71 8.20
CA GLN A 138 -15.27 -3.36 9.48
C GLN A 138 -16.17 -4.49 9.95
N ILE A 139 -16.84 -5.17 9.00
CA ILE A 139 -17.70 -6.32 9.37
C ILE A 139 -16.84 -7.38 10.03
N MET A 140 -15.66 -7.71 9.43
CA MET A 140 -14.86 -8.75 10.09
C MET A 140 -14.29 -8.27 11.46
N ALA A 141 -13.99 -6.97 11.65
CA ALA A 141 -13.48 -6.50 12.94
C ALA A 141 -14.57 -6.64 14.04
N TRP A 142 -15.76 -6.13 13.76
CA TRP A 142 -16.85 -6.16 14.76
C TRP A 142 -17.25 -7.60 15.08
N HIS A 143 -17.20 -8.49 14.09
CA HIS A 143 -17.56 -9.88 14.35
C HIS A 143 -16.48 -10.63 15.13
N TYR A 144 -15.24 -10.63 14.62
CA TYR A 144 -14.19 -11.43 15.25
C TYR A 144 -13.62 -10.83 16.53
N PHE A 145 -13.61 -9.51 16.63
CA PHE A 145 -12.99 -8.85 17.79
C PHE A 145 -13.97 -8.22 18.76
N ALA A 146 -15.27 -8.59 18.68
CA ALA A 146 -16.34 -8.04 19.51
C ALA A 146 -15.98 -7.95 20.99
N ASP A 147 -15.41 -9.00 21.56
CA ASP A 147 -15.12 -8.96 23.00
C ASP A 147 -13.68 -8.55 23.33
N ARG A 148 -12.89 -8.22 22.29
CA ARG A 148 -11.47 -7.98 22.50
C ARG A 148 -11.13 -6.67 23.14
N PRO A 149 -10.13 -6.66 24.05
CA PRO A 149 -9.75 -5.38 24.69
C PRO A 149 -9.15 -4.35 23.74
N PHE A 150 -8.55 -4.82 22.64
CA PHE A 150 -7.88 -3.97 21.63
C PHE A 150 -8.83 -3.45 20.54
N LEU A 151 -10.14 -3.84 20.56
CA LEU A 151 -11.07 -3.43 19.49
C LEU A 151 -11.14 -1.94 19.28
N LYS A 152 -11.26 -1.15 20.36
CA LYS A 152 -11.34 0.31 20.25
C LYS A 152 -10.10 0.91 19.56
N ASP A 153 -8.92 0.56 20.06
CA ASP A 153 -7.65 1.04 19.51
C ASP A 153 -7.47 0.59 18.09
N LEU A 154 -7.82 -0.68 17.78
CA LEU A 154 -7.66 -1.21 16.43
C LEU A 154 -8.56 -0.44 15.45
N LEU A 155 -9.85 -0.22 15.81
CA LEU A 155 -10.77 0.52 14.92
C LEU A 155 -10.30 1.94 14.70
N CYS A 156 -9.83 2.60 15.77
CA CYS A 156 -9.37 4.00 15.68
C CYS A 156 -8.11 4.10 14.78
N LEU A 157 -7.14 3.19 15.00
CA LEU A 157 -5.93 3.12 14.17
C LEU A 157 -6.27 2.85 12.70
N PHE A 158 -7.18 1.89 12.47
CA PHE A 158 -7.53 1.53 11.11
C PHE A 158 -8.18 2.71 10.36
N GLN A 159 -9.06 3.45 11.04
CA GLN A 159 -9.74 4.60 10.47
C GLN A 159 -8.70 5.67 10.11
N LYS A 160 -7.79 5.99 11.06
CA LYS A 160 -6.80 7.05 10.78
C LYS A 160 -5.89 6.66 9.59
N VAL A 161 -5.49 5.38 9.51
CA VAL A 161 -4.65 4.92 8.40
C VAL A 161 -5.41 4.99 7.06
N ASP A 162 -6.69 4.54 7.06
CA ASP A 162 -7.53 4.64 5.87
C ASP A 162 -7.62 6.13 5.41
N TYR A 163 -7.88 7.05 6.34
CA TYR A 163 -7.96 8.49 6.04
C TYR A 163 -6.62 9.00 5.49
N ALA A 164 -5.50 8.65 6.15
CA ALA A 164 -4.17 9.10 5.68
C ALA A 164 -3.97 8.63 4.21
N THR A 165 -4.42 7.40 3.91
CA THR A 165 -4.28 6.82 2.56
C THR A 165 -5.08 7.61 1.55
N ALA A 166 -6.32 7.98 1.90
CA ALA A 166 -7.15 8.76 0.94
C ALA A 166 -6.51 10.16 0.75
N VAL A 167 -5.96 10.76 1.83
CA VAL A 167 -5.28 12.05 1.73
C VAL A 167 -4.06 11.89 0.80
N GLY A 168 -3.31 10.81 0.95
CA GLY A 168 -2.18 10.53 0.06
C GLY A 168 -2.56 10.36 -1.40
N GLN A 169 -3.70 9.72 -1.63
CA GLN A 169 -4.21 9.55 -3.00
C GLN A 169 -4.50 10.94 -3.57
N MET A 170 -5.05 11.86 -2.73
CA MET A 170 -5.30 13.25 -3.18
C MET A 170 -3.96 13.93 -3.54
N TYR A 171 -2.93 13.75 -2.69
CA TYR A 171 -1.60 14.34 -2.99
C TYR A 171 -1.04 13.80 -4.30
N ASP A 172 -1.26 12.51 -4.56
CA ASP A 172 -0.75 11.84 -5.77
C ASP A 172 -1.47 12.30 -7.03
N VAL A 173 -2.81 12.30 -7.02
CA VAL A 173 -3.55 12.69 -8.23
C VAL A 173 -3.36 14.15 -8.59
N THR A 174 -3.02 14.99 -7.59
CA THR A 174 -2.83 16.43 -7.84
C THR A 174 -1.34 16.80 -7.96
N SER A 175 -0.44 15.80 -8.01
CA SER A 175 1.01 16.02 -7.97
C SER A 175 1.62 16.71 -9.21
N MET A 176 0.91 16.69 -10.33
CA MET A 176 1.39 17.30 -11.58
C MET A 176 0.72 18.62 -11.90
N CYS A 177 -0.07 19.17 -10.94
CA CYS A 177 -0.78 20.44 -11.05
C CYS A 177 0.03 21.46 -10.31
N ASP A 178 -0.18 22.76 -10.60
CA ASP A 178 0.43 23.81 -9.78
C ASP A 178 -0.54 24.03 -8.63
N SER A 179 -0.06 23.98 -7.36
CA SER A 179 -0.93 24.14 -6.19
C SER A 179 -1.77 25.41 -6.25
N ASN A 180 -1.16 26.55 -6.65
CA ASN A 180 -1.84 27.85 -6.73
C ASN A 180 -3.01 27.88 -7.74
N LYS A 181 -3.04 26.94 -8.70
CA LYS A 181 -4.06 26.86 -9.74
C LYS A 181 -5.21 25.89 -9.39
N LEU A 182 -5.09 25.09 -8.31
CA LEU A 182 -6.14 24.13 -7.91
C LEU A 182 -7.46 24.83 -7.73
N ASP A 183 -8.47 24.35 -8.44
CA ASP A 183 -9.76 25.02 -8.43
C ASP A 183 -10.78 24.08 -9.04
N PRO A 184 -11.81 23.65 -8.27
CA PRO A 184 -12.84 22.76 -8.83
C PRO A 184 -13.51 23.32 -10.10
N GLU A 185 -13.61 24.66 -10.21
CA GLU A 185 -14.26 25.32 -11.36
C GLU A 185 -13.44 25.35 -12.65
N VAL A 186 -12.10 25.13 -12.59
CA VAL A 186 -11.22 25.27 -13.76
C VAL A 186 -10.40 24.02 -14.02
N ALA A 187 -10.46 23.50 -15.27
CA ALA A 187 -9.71 22.30 -15.69
C ALA A 187 -8.23 22.54 -15.43
N GLN A 188 -7.59 21.55 -14.81
CA GLN A 188 -6.24 21.68 -14.32
C GLN A 188 -5.18 21.46 -15.36
N PRO A 189 -4.39 22.52 -15.68
CA PRO A 189 -3.25 22.31 -16.59
C PRO A 189 -2.12 21.60 -15.86
N MET A 190 -1.37 20.82 -16.58
CA MET A 190 -0.18 20.19 -16.02
C MET A 190 0.85 21.32 -15.77
N THR A 191 1.67 21.18 -14.72
CA THR A 191 2.70 22.16 -14.43
C THR A 191 3.64 22.35 -15.62
N THR A 192 4.14 23.57 -15.81
CA THR A 192 5.15 23.83 -16.84
C THR A 192 6.50 24.04 -16.15
N ASP A 193 6.50 24.57 -14.91
CA ASP A 193 7.75 24.86 -14.20
C ASP A 193 8.31 23.69 -13.40
N PHE A 194 7.46 22.70 -13.04
CA PHE A 194 7.86 21.58 -12.20
C PHE A 194 8.46 22.02 -10.86
N ALA A 195 8.08 23.23 -10.38
CA ALA A 195 8.62 23.72 -9.08
C ALA A 195 8.21 22.83 -7.91
N GLU A 196 7.10 22.10 -8.06
CA GLU A 196 6.65 21.25 -6.97
C GLU A 196 7.22 19.85 -7.05
N PHE A 197 8.16 19.58 -7.97
CA PHE A 197 8.82 18.28 -8.04
C PHE A 197 10.08 18.38 -7.15
N THR A 198 9.86 18.36 -5.82
CA THR A 198 10.94 18.46 -4.84
C THR A 198 10.96 17.22 -3.96
N PRO A 199 12.12 16.93 -3.29
CA PRO A 199 12.16 15.79 -2.36
C PRO A 199 11.09 15.89 -1.26
N ALA A 200 10.89 17.07 -0.65
CA ALA A 200 9.88 17.22 0.41
C ALA A 200 8.46 16.91 -0.08
N ILE A 201 8.12 17.38 -1.28
CA ILE A 201 6.77 17.17 -1.84
C ILE A 201 6.58 15.70 -2.21
N TYR A 202 7.61 15.10 -2.83
CA TYR A 202 7.62 13.67 -3.14
C TYR A 202 7.42 12.84 -1.85
N LYS A 203 8.19 13.16 -0.78
CA LYS A 203 8.15 12.46 0.49
C LYS A 203 6.74 12.51 1.07
N ARG A 204 6.07 13.67 0.96
CA ARG A 204 4.71 13.81 1.50
C ARG A 204 3.75 12.87 0.73
N ILE A 205 3.83 12.82 -0.63
CA ILE A 205 2.92 11.93 -1.38
C ILE A 205 3.09 10.52 -0.88
N VAL A 206 4.34 10.04 -0.88
CA VAL A 206 4.66 8.67 -0.53
C VAL A 206 4.28 8.32 0.92
N LYS A 207 4.62 9.22 1.86
CA LYS A 207 4.32 8.99 3.27
C LYS A 207 2.84 8.65 3.45
N TYR A 208 1.98 9.52 2.94
CA TYR A 208 0.53 9.32 3.11
C TYR A 208 -0.06 8.26 2.18
N LYS A 209 0.30 8.24 0.91
CA LYS A 209 -0.32 7.31 -0.04
C LYS A 209 -0.07 5.83 0.24
N THR A 210 1.17 5.49 0.69
CA THR A 210 1.56 4.10 0.84
C THR A 210 2.05 3.68 2.20
N THR A 211 2.87 4.49 2.86
CA THR A 211 3.56 4.00 4.05
C THR A 211 2.66 3.68 5.25
N PHE A 212 1.54 4.42 5.43
CA PHE A 212 0.66 4.13 6.56
C PHE A 212 0.01 2.76 6.41
N TYR A 213 -0.56 2.43 5.24
CA TYR A 213 -1.26 1.13 5.14
C TYR A 213 -0.32 -0.06 4.84
N THR A 214 0.87 0.21 4.25
CA THR A 214 1.76 -0.90 3.88
C THR A 214 2.69 -1.27 5.04
N TYR A 215 3.14 -0.28 5.82
CA TYR A 215 4.10 -0.56 6.89
C TYR A 215 3.63 -0.23 8.29
N LEU A 216 3.08 0.97 8.51
CA LEU A 216 2.66 1.29 9.88
C LEU A 216 1.53 0.40 10.37
N LEU A 217 0.45 0.31 9.57
CA LEU A 217 -0.71 -0.47 10.00
C LEU A 217 -0.39 -1.94 10.29
N PRO A 218 0.33 -2.71 9.42
CA PRO A 218 0.64 -4.11 9.79
C PRO A 218 1.46 -4.21 11.06
N LEU A 219 2.44 -3.31 11.26
CA LEU A 219 3.28 -3.44 12.47
C LEU A 219 2.47 -3.15 13.73
N VAL A 220 1.69 -2.06 13.72
CA VAL A 220 0.88 -1.66 14.90
C VAL A 220 -0.26 -2.66 15.12
N MET A 221 -0.88 -3.18 14.05
CA MET A 221 -1.89 -4.23 14.28
C MET A 221 -1.30 -5.46 14.93
N GLY A 222 -0.07 -5.85 14.54
CA GLY A 222 0.59 -7.00 15.18
C GLY A 222 0.82 -6.75 16.66
N LEU A 223 1.18 -5.51 17.01
CA LEU A 223 1.34 -5.15 18.42
C LEU A 223 -0.02 -5.18 19.15
N LEU A 224 -1.08 -4.63 18.53
CA LEU A 224 -2.41 -4.59 19.19
C LEU A 224 -3.00 -5.96 19.45
N VAL A 225 -2.96 -6.89 18.46
CA VAL A 225 -3.52 -8.23 18.68
C VAL A 225 -2.70 -9.02 19.72
N SER A 226 -1.41 -8.62 19.92
CA SER A 226 -0.52 -9.25 20.90
C SER A 226 -0.58 -8.55 22.27
N GLU A 227 -1.35 -7.43 22.38
CA GLU A 227 -1.46 -6.61 23.59
C GLU A 227 -0.04 -6.20 24.03
N ALA A 228 0.77 -5.78 23.02
CA ALA A 228 2.19 -5.48 23.20
C ALA A 228 2.57 -4.04 22.90
N ALA A 229 1.60 -3.15 22.73
CA ALA A 229 1.94 -1.75 22.40
C ALA A 229 2.85 -1.03 23.41
N ALA A 230 2.89 -1.49 24.68
CA ALA A 230 3.76 -0.91 25.74
C ALA A 230 5.24 -1.32 25.59
N SER A 231 5.51 -2.30 24.71
CA SER A 231 6.86 -2.79 24.40
C SER A 231 7.57 -1.87 23.38
N VAL A 232 6.87 -0.83 22.89
CA VAL A 232 7.45 0.07 21.89
C VAL A 232 7.15 1.53 22.15
N GLU A 233 8.00 2.41 21.58
CA GLU A 233 7.76 3.84 21.53
C GLU A 233 7.06 4.02 20.17
N MET A 234 5.77 4.39 20.18
CA MET A 234 5.03 4.58 18.93
C MET A 234 5.65 5.59 17.97
N ASN A 235 6.32 6.66 18.50
CA ASN A 235 6.96 7.62 17.59
C ASN A 235 8.05 6.96 16.76
N LEU A 236 8.73 5.97 17.34
CA LEU A 236 9.81 5.25 16.68
C LEU A 236 9.25 4.28 15.63
N VAL A 237 8.12 3.61 15.92
CA VAL A 237 7.48 2.71 14.96
C VAL A 237 7.05 3.54 13.74
N GLU A 238 6.49 4.75 13.98
CA GLU A 238 6.08 5.66 12.90
C GLU A 238 7.26 6.01 12.03
N ARG A 239 8.38 6.44 12.64
CA ARG A 239 9.56 6.84 11.86
C ARG A 239 10.11 5.71 11.02
N VAL A 240 10.18 4.49 11.58
CA VAL A 240 10.74 3.38 10.80
C VAL A 240 9.78 2.93 9.69
N ALA A 241 8.46 2.99 9.94
CA ALA A 241 7.47 2.64 8.92
C ALA A 241 7.55 3.61 7.73
N HIS A 242 7.61 4.93 8.02
CA HIS A 242 7.69 5.94 6.97
C HIS A 242 8.99 5.86 6.18
N LEU A 243 10.10 5.51 6.86
CA LEU A 243 11.40 5.37 6.22
C LEU A 243 11.43 4.16 5.26
N ILE A 244 11.05 2.97 5.76
CA ILE A 244 11.03 1.75 4.93
C ILE A 244 10.01 1.92 3.79
N GLY A 245 8.86 2.52 4.11
CA GLY A 245 7.80 2.72 3.13
C GLY A 245 8.26 3.60 1.98
N GLU A 246 9.02 4.64 2.29
CA GLU A 246 9.54 5.54 1.26
C GLU A 246 10.48 4.79 0.35
N TYR A 247 11.38 3.97 0.92
CA TYR A 247 12.34 3.20 0.15
C TYR A 247 11.60 2.25 -0.80
N PHE A 248 10.53 1.59 -0.31
CA PHE A 248 9.69 0.71 -1.11
C PHE A 248 9.14 1.44 -2.36
N GLN A 249 8.62 2.68 -2.18
CA GLN A 249 8.07 3.46 -3.29
C GLN A 249 9.15 3.92 -4.29
N VAL A 250 10.35 4.24 -3.80
CA VAL A 250 11.47 4.66 -4.65
C VAL A 250 11.80 3.49 -5.61
N GLN A 251 11.76 2.24 -5.08
CA GLN A 251 11.93 1.00 -5.85
C GLN A 251 10.85 0.86 -6.93
N ASP A 252 9.56 1.01 -6.56
CA ASP A 252 8.42 0.91 -7.47
C ASP A 252 8.57 1.95 -8.61
N ASP A 253 8.96 3.19 -8.25
CA ASP A 253 9.18 4.28 -9.22
C ASP A 253 10.23 3.96 -10.27
N VAL A 254 11.38 3.40 -9.83
CA VAL A 254 12.46 3.04 -10.73
C VAL A 254 11.97 1.92 -11.67
N MET A 255 11.25 0.93 -11.08
CA MET A 255 10.69 -0.20 -11.81
C MET A 255 9.66 0.23 -12.87
N ASP A 256 8.88 1.29 -12.59
CA ASP A 256 7.86 1.78 -13.54
C ASP A 256 8.47 2.19 -14.86
N CYS A 257 9.67 2.77 -14.80
CA CYS A 257 10.40 3.27 -15.96
C CYS A 257 11.31 2.22 -16.58
N PHE A 258 12.07 1.46 -15.77
CA PHE A 258 13.08 0.54 -16.32
C PHE A 258 12.76 -0.97 -16.29
N THR A 259 11.79 -1.46 -15.48
CA THR A 259 11.49 -2.90 -15.45
C THR A 259 10.61 -3.28 -16.67
N PRO A 260 11.03 -4.29 -17.48
CA PRO A 260 10.20 -4.68 -18.65
C PRO A 260 8.75 -5.03 -18.32
N PRO A 261 7.77 -4.68 -19.19
CA PRO A 261 6.35 -4.96 -18.89
C PRO A 261 6.01 -6.40 -18.46
N GLU A 262 6.71 -7.42 -19.03
CA GLU A 262 6.51 -8.83 -18.68
C GLU A 262 6.83 -9.13 -17.21
N GLN A 263 7.85 -8.44 -16.67
CA GLN A 263 8.28 -8.58 -15.27
C GLN A 263 7.48 -7.66 -14.34
N LEU A 264 7.20 -6.42 -14.81
CA LEU A 264 6.44 -5.42 -14.04
C LEU A 264 4.97 -5.84 -13.81
N GLY A 265 4.39 -6.58 -14.77
CA GLY A 265 3.00 -7.04 -14.69
C GLY A 265 2.02 -6.01 -15.23
N LYS A 266 2.55 -4.98 -15.90
CA LYS A 266 1.81 -3.87 -16.52
C LYS A 266 2.77 -3.07 -17.40
N VAL A 267 2.22 -2.13 -18.19
CA VAL A 267 2.99 -1.18 -18.98
C VAL A 267 3.06 0.05 -18.07
N GLY A 268 4.28 0.43 -17.66
CA GLY A 268 4.50 1.59 -16.79
C GLY A 268 4.17 2.89 -17.50
N THR A 269 3.36 3.76 -16.88
CA THR A 269 2.97 5.03 -17.53
C THR A 269 3.27 6.29 -16.68
N ASP A 270 4.15 6.23 -15.65
CA ASP A 270 4.45 7.41 -14.81
C ASP A 270 4.88 8.66 -15.61
N ILE A 271 5.67 8.46 -16.66
CA ILE A 271 6.14 9.54 -17.53
C ILE A 271 4.98 10.19 -18.29
N GLU A 272 4.13 9.37 -18.96
CA GLU A 272 2.95 9.80 -19.70
C GLU A 272 1.97 10.50 -18.75
N ASP A 273 1.82 9.96 -17.52
CA ASP A 273 0.91 10.49 -16.49
C ASP A 273 1.48 11.71 -15.77
N ALA A 274 2.72 12.11 -16.11
CA ALA A 274 3.42 13.25 -15.50
C ALA A 274 3.53 13.09 -13.97
N LYS A 275 3.69 11.85 -13.49
CA LYS A 275 3.75 11.59 -12.03
C LYS A 275 4.99 12.17 -11.38
N CYS A 276 4.83 12.59 -10.15
CA CYS A 276 5.95 13.11 -9.38
C CYS A 276 6.71 11.90 -8.84
N SER A 277 7.54 11.29 -9.67
CA SER A 277 8.30 10.11 -9.30
C SER A 277 9.68 10.45 -8.73
N TRP A 278 10.32 9.46 -8.08
CA TRP A 278 11.66 9.65 -7.54
C TRP A 278 12.63 10.01 -8.68
N LEU A 279 12.47 9.38 -9.85
CA LEU A 279 13.34 9.65 -11.00
C LEU A 279 13.21 11.09 -11.47
N ALA A 280 11.98 11.61 -11.60
CA ALA A 280 11.79 12.99 -12.07
C ALA A 280 12.35 14.00 -11.06
N VAL A 281 12.07 13.80 -9.77
CA VAL A 281 12.57 14.70 -8.74
C VAL A 281 14.12 14.66 -8.67
N THR A 282 14.70 13.45 -8.68
CA THR A 282 16.15 13.30 -8.58
C THR A 282 16.86 13.87 -9.83
N PHE A 283 16.25 13.65 -11.01
CA PHE A 283 16.81 14.18 -12.26
C PHE A 283 16.80 15.73 -12.19
N LEU A 284 15.66 16.31 -11.75
CA LEU A 284 15.56 17.77 -11.67
C LEU A 284 16.49 18.39 -10.63
N GLY A 285 16.94 17.58 -9.68
CA GLY A 285 17.90 17.99 -8.67
C GLY A 285 19.34 17.98 -9.17
N LYS A 286 19.60 17.46 -10.37
CA LYS A 286 20.99 17.40 -10.86
C LYS A 286 21.17 17.84 -12.33
N ALA A 287 20.07 18.01 -13.08
CA ALA A 287 20.13 18.39 -14.49
C ALA A 287 20.66 19.80 -14.73
N ASN A 288 21.27 20.01 -15.91
CA ASN A 288 21.75 21.34 -16.29
C ASN A 288 20.57 22.05 -17.00
N ALA A 289 20.75 23.32 -17.44
CA ALA A 289 19.70 24.11 -18.12
C ALA A 289 19.11 23.39 -19.35
N ALA A 290 19.96 22.93 -20.29
CA ALA A 290 19.51 22.24 -21.52
C ALA A 290 18.74 20.96 -21.21
N GLN A 291 19.18 20.18 -20.20
CA GLN A 291 18.53 18.94 -19.80
C GLN A 291 17.16 19.20 -19.18
N VAL A 292 17.03 20.28 -18.37
CA VAL A 292 15.75 20.67 -17.75
C VAL A 292 14.75 21.05 -18.86
N ALA A 293 15.21 21.85 -19.82
CA ALA A 293 14.38 22.30 -20.95
C ALA A 293 13.89 21.12 -21.78
N GLU A 294 14.79 20.14 -22.05
CA GLU A 294 14.44 18.93 -22.82
C GLU A 294 13.42 18.11 -22.03
N PHE A 295 13.58 18.05 -20.69
CA PHE A 295 12.63 17.35 -19.83
C PHE A 295 11.23 17.97 -19.95
N LYS A 296 11.14 19.33 -19.83
CA LYS A 296 9.84 20.04 -19.91
C LYS A 296 9.14 19.86 -21.27
N ALA A 297 9.91 19.76 -22.35
CA ALA A 297 9.36 19.61 -23.69
C ALA A 297 8.89 18.18 -24.00
N ASN A 298 9.19 17.19 -23.10
CA ASN A 298 8.83 15.80 -23.36
C ASN A 298 8.00 15.09 -22.28
N TYR A 299 8.00 15.60 -21.03
CA TYR A 299 7.31 14.96 -19.93
C TYR A 299 5.77 15.11 -19.99
N GLY A 300 5.06 14.12 -19.45
CA GLY A 300 3.59 14.12 -19.37
C GLY A 300 2.85 14.00 -20.69
N GLU A 301 3.50 13.42 -21.71
CA GLU A 301 2.95 13.26 -23.06
C GLU A 301 2.86 11.78 -23.44
N LYS A 302 1.72 11.39 -24.05
CA LYS A 302 1.47 10.01 -24.49
C LYS A 302 2.40 9.58 -25.64
N ASP A 303 2.87 10.54 -26.47
CA ASP A 303 3.76 10.33 -27.62
C ASP A 303 4.97 9.42 -27.25
N PRO A 304 5.10 8.20 -27.85
CA PRO A 304 6.23 7.30 -27.50
C PRO A 304 7.62 7.89 -27.69
N ALA A 305 7.83 8.73 -28.73
CA ALA A 305 9.13 9.40 -28.99
C ALA A 305 9.51 10.32 -27.81
N LYS A 306 8.52 11.08 -27.26
CA LYS A 306 8.70 11.98 -26.12
C LYS A 306 9.03 11.19 -24.84
N VAL A 307 8.31 10.07 -24.61
CA VAL A 307 8.56 9.14 -23.49
C VAL A 307 10.02 8.60 -23.59
N ALA A 308 10.47 8.28 -24.81
CA ALA A 308 11.83 7.77 -25.07
C ALA A 308 12.92 8.82 -24.80
N VAL A 309 12.59 10.13 -24.95
CA VAL A 309 13.53 11.23 -24.67
C VAL A 309 13.76 11.29 -23.16
N VAL A 310 12.65 11.27 -22.37
CA VAL A 310 12.67 11.30 -20.91
C VAL A 310 13.50 10.12 -20.37
N LYS A 311 13.22 8.89 -20.84
CA LYS A 311 13.96 7.68 -20.41
C LYS A 311 15.45 7.79 -20.72
N ARG A 312 15.82 8.44 -21.84
CA ARG A 312 17.22 8.65 -22.21
C ARG A 312 17.92 9.66 -21.28
N LEU A 313 17.21 10.76 -20.91
CA LEU A 313 17.72 11.79 -20.00
C LEU A 313 18.05 11.19 -18.63
N TYR A 314 17.19 10.29 -18.13
CA TYR A 314 17.35 9.61 -16.84
C TYR A 314 18.61 8.73 -16.84
N SER A 315 18.80 7.91 -17.90
CA SER A 315 19.97 7.01 -18.07
C SER A 315 21.26 7.83 -18.12
N LYS A 316 21.27 8.90 -18.95
CA LYS A 316 22.40 9.81 -19.10
C LYS A 316 22.73 10.57 -17.81
N ALA A 317 21.72 10.90 -16.98
CA ALA A 317 21.89 11.64 -15.73
C ALA A 317 22.54 10.82 -14.60
N ASN A 318 22.78 9.51 -14.85
CA ASN A 318 23.40 8.56 -13.91
C ASN A 318 22.59 8.50 -12.60
N LEU A 319 21.28 8.31 -12.76
CA LEU A 319 20.36 8.20 -11.62
C LEU A 319 20.63 6.95 -10.79
N GLN A 320 21.36 5.96 -11.35
CA GLN A 320 21.76 4.75 -10.62
C GLN A 320 22.68 5.08 -9.44
N ALA A 321 23.57 6.09 -9.61
CA ALA A 321 24.49 6.56 -8.56
C ALA A 321 23.70 7.22 -7.42
N ASP A 322 22.67 8.02 -7.76
CA ASP A 322 21.80 8.69 -6.79
C ASP A 322 21.03 7.64 -6.01
N PHE A 323 20.54 6.58 -6.70
CA PHE A 323 19.85 5.48 -6.02
C PHE A 323 20.77 4.77 -5.03
N ALA A 324 22.03 4.50 -5.41
CA ALA A 324 23.02 3.83 -4.55
C ALA A 324 23.28 4.65 -3.30
N ALA A 325 23.40 5.98 -3.45
CA ALA A 325 23.61 6.92 -2.34
C ALA A 325 22.35 6.94 -1.44
N TYR A 326 21.16 7.00 -2.05
CA TYR A 326 19.91 7.02 -1.29
C TYR A 326 19.75 5.73 -0.47
N GLU A 327 19.95 4.57 -1.14
CA GLU A 327 19.86 3.25 -0.53
C GLU A 327 20.84 3.14 0.63
N ALA A 328 22.08 3.65 0.47
CA ALA A 328 23.10 3.63 1.52
C ALA A 328 22.65 4.42 2.74
N GLU A 329 22.01 5.58 2.51
CA GLU A 329 21.47 6.45 3.55
C GLU A 329 20.32 5.74 4.29
N VAL A 330 19.42 5.10 3.54
CA VAL A 330 18.28 4.37 4.12
C VAL A 330 18.76 3.22 5.01
N VAL A 331 19.75 2.45 4.55
CA VAL A 331 20.39 1.37 5.34
C VAL A 331 20.87 1.91 6.71
N ARG A 332 21.60 3.06 6.72
CA ARG A 332 22.11 3.68 7.96
C ARG A 332 20.99 4.00 8.91
N GLU A 333 19.98 4.68 8.40
CA GLU A 333 18.84 5.14 9.19
C GLU A 333 17.98 3.99 9.68
N VAL A 334 17.72 2.97 8.81
CA VAL A 334 16.88 1.80 9.21
C VAL A 334 17.62 1.05 10.34
N GLU A 335 18.94 0.85 10.19
CA GLU A 335 19.74 0.20 11.25
C GLU A 335 19.70 0.99 12.55
N SER A 336 19.78 2.34 12.46
CA SER A 336 19.72 3.22 13.65
C SER A 336 18.40 3.04 14.36
N LEU A 337 17.29 3.04 13.59
CA LEU A 337 15.96 2.87 14.21
C LEU A 337 15.76 1.48 14.80
N ILE A 338 16.25 0.43 14.11
CA ILE A 338 16.19 -0.96 14.64
C ILE A 338 16.95 -1.04 15.96
N GLU A 339 18.14 -0.41 16.03
CA GLU A 339 18.91 -0.35 17.27
C GLU A 339 18.12 0.31 18.39
N GLN A 340 17.43 1.43 18.10
CA GLN A 340 16.63 2.13 19.10
C GLN A 340 15.45 1.23 19.56
N LEU A 341 14.82 0.46 18.64
CA LEU A 341 13.69 -0.43 18.99
C LEU A 341 14.12 -1.57 19.91
N LYS A 342 15.36 -2.06 19.75
CA LYS A 342 15.95 -3.14 20.57
C LYS A 342 15.93 -2.83 22.07
N VAL A 343 15.96 -1.52 22.45
CA VAL A 343 15.93 -1.01 23.83
C VAL A 343 14.73 -1.56 24.60
N LYS A 344 13.52 -1.36 24.04
CA LYS A 344 12.28 -1.79 24.66
C LYS A 344 11.84 -3.17 24.21
N SER A 345 12.14 -3.56 22.94
CA SER A 345 11.74 -4.88 22.45
C SER A 345 12.64 -5.49 21.40
N PRO A 346 13.53 -6.43 21.79
CA PRO A 346 14.37 -7.09 20.77
C PRO A 346 13.52 -7.89 19.80
N THR A 347 12.41 -8.48 20.29
CA THR A 347 11.51 -9.25 19.45
C THR A 347 10.90 -8.38 18.35
N PHE A 348 10.35 -7.20 18.73
CA PHE A 348 9.75 -6.30 17.74
C PHE A 348 10.83 -5.74 16.81
N ALA A 349 12.02 -5.42 17.36
CA ALA A 349 13.12 -4.95 16.53
C ALA A 349 13.47 -5.99 15.46
N GLU A 350 13.42 -7.30 15.82
CA GLU A 350 13.67 -8.39 14.88
C GLU A 350 12.61 -8.47 13.78
N SER A 351 11.32 -8.24 14.14
CA SER A 351 10.25 -8.23 13.15
C SER A 351 10.47 -7.10 12.18
N VAL A 352 10.94 -5.92 12.68
CA VAL A 352 11.24 -4.79 11.79
C VAL A 352 12.39 -5.15 10.86
N ALA A 353 13.44 -5.83 11.41
CA ALA A 353 14.57 -6.27 10.58
C ALA A 353 14.10 -7.18 9.43
N VAL A 354 13.12 -8.10 9.71
CA VAL A 354 12.59 -9.01 8.67
C VAL A 354 11.85 -8.22 7.59
N VAL A 355 10.99 -7.26 8.00
CA VAL A 355 10.25 -6.39 7.10
C VAL A 355 11.22 -5.62 6.18
N TRP A 356 12.34 -5.13 6.74
CA TRP A 356 13.36 -4.41 5.97
C TRP A 356 14.03 -5.36 4.97
N GLU A 357 14.47 -6.53 5.44
CA GLU A 357 15.11 -7.55 4.58
C GLU A 357 14.19 -7.93 3.40
N LYS A 358 12.88 -8.09 3.67
CA LYS A 358 11.88 -8.40 2.66
C LYS A 358 11.68 -7.26 1.66
N THR A 359 11.91 -6.00 2.10
CA THR A 359 11.74 -4.84 1.23
C THR A 359 12.98 -4.64 0.37
N HIS A 360 14.14 -4.65 1.03
CA HIS A 360 15.47 -4.40 0.47
C HIS A 360 15.96 -5.53 -0.41
CL1 3N2 B . -1.56 5.84 12.73
C2 3N2 B . -1.51 7.47 12.10
C3 3N2 B . -0.43 8.29 12.42
C5 3N2 B . -0.41 9.58 11.85
C6 3N2 B . -1.44 10.01 11.00
S7 3N2 B . -1.29 11.65 10.43
C8 3N2 B . 0.24 11.77 11.29
C10 3N2 B . 0.59 10.70 12.01
C11 3N2 B . 1.88 10.54 12.78
C14 3N2 B . 2.95 9.90 11.91
O15 3N2 B . 2.85 8.74 11.54
O16 3N2 B . 4.00 10.65 11.58
C18 3N2 B . -2.53 9.18 10.68
C20 3N2 B . -2.54 7.89 11.23
CL1 3N2 C . -1.20 1.29 20.48
C2 3N2 C . -2.17 2.32 19.47
C3 3N2 C . -1.58 2.93 18.36
C5 3N2 C . -2.39 3.78 17.60
C6 3N2 C . -3.72 4.03 17.94
S7 3N2 C . -4.56 5.15 16.89
C8 3N2 C . -3.10 5.25 15.93
C10 3N2 C . -2.05 4.58 16.40
C11 3N2 C . -0.71 4.40 15.71
C14 3N2 C . 0.33 5.41 16.03
O15 3N2 C . 0.16 6.18 17.12
O16 3N2 C . 1.30 5.51 15.29
C18 3N2 C . -4.31 3.42 19.04
C20 3N2 C . -3.50 2.58 19.83
ZN ZN D . -3.12 6.04 -8.72
ZN ZN E . 4.19 2.91 -9.38
S SO4 F . 1.49 -7.59 -2.22
O1 SO4 F . 1.87 -8.52 -3.30
O2 SO4 F . 0.05 -7.25 -2.33
O3 SO4 F . 2.28 -6.38 -2.31
O4 SO4 F . 1.76 -8.26 -0.92
S DMS G . -2.64 2.60 -3.26
O DMS G . -3.39 2.78 -4.55
C1 DMS G . -3.20 3.96 -2.28
C2 DMS G . -1.03 3.13 -3.66
#